data_4R4K
#
_entry.id   4R4K
#
_cell.length_a   107.355
_cell.length_b   62.823
_cell.length_c   115.349
_cell.angle_alpha   90.000
_cell.angle_beta   106.570
_cell.angle_gamma   90.000
#
_symmetry.space_group_name_H-M   'C 1 2 1'
#
loop_
_entity.id
_entity.type
_entity.pdbx_description
1 polymer 'Uncharacterized protein'
2 non-polymer 'ACETATE ION'
3 non-polymer 2,5,8,11,14,17,20,23,26,29,32,35,38,41,44,47,50,53,56,59,62,65,68,71,74,77,80-HEPTACOSAOXADOOCTACONTAN-82-OL
4 non-polymer 'CHLORIDE ION'
5 non-polymer GLYCEROL
6 water water
#
_entity_poly.entity_id   1
_entity_poly.type   'polypeptide(L)'
_entity_poly.pdbx_seq_one_letter_code
;GKNEIAQSGEDFKSFLDKFTSSAAFQYTRIKFPLKTPITLLADDGETEKTFPFTKEKWPLLDSET(MSE)KEERIEQEEG
GIYVSKFTLNEPVHKVFEAGYEESEIDLRVEFEQAADGKWYVVDCYTGWYGYDLPIGELKQTIQQVKEENAAFKEIHP
;
_entity_poly.pdbx_strand_id   A,B,C,D
#
# COMPACT_ATOMS: atom_id res chain seq x y z
N GLU A 4 -23.97 -13.62 30.86
CA GLU A 4 -23.43 -12.51 30.03
C GLU A 4 -22.38 -11.67 30.78
N ILE A 5 -22.67 -11.24 32.02
CA ILE A 5 -21.74 -10.43 32.83
C ILE A 5 -21.12 -11.16 34.04
N ALA A 6 -19.80 -11.08 34.14
CA ALA A 6 -19.07 -11.71 35.22
C ALA A 6 -19.48 -11.13 36.58
N GLN A 7 -19.56 -12.01 37.58
CA GLN A 7 -19.95 -11.60 38.93
C GLN A 7 -18.72 -11.29 39.80
N SER A 8 -17.55 -11.62 39.29
CA SER A 8 -16.29 -11.31 39.96
C SER A 8 -15.18 -10.95 38.98
N GLY A 9 -14.15 -10.34 39.55
CA GLY A 9 -12.99 -9.96 38.79
C GLY A 9 -13.26 -8.76 37.90
N GLU A 10 -12.41 -8.59 36.89
CA GLU A 10 -12.49 -7.43 36.02
C GLU A 10 -13.75 -7.41 35.16
N ASP A 11 -14.38 -6.24 35.06
CA ASP A 11 -15.48 -5.99 34.13
C ASP A 11 -14.92 -5.98 32.69
N PHE A 12 -15.52 -6.76 31.81
CA PHE A 12 -14.97 -6.89 30.43
C PHE A 12 -14.94 -5.58 29.64
N LYS A 13 -16.05 -4.84 29.64
CA LYS A 13 -16.09 -3.59 28.86
C LYS A 13 -15.06 -2.57 29.33
N SER A 14 -14.89 -2.48 30.65
CA SER A 14 -13.88 -1.61 31.23
C SER A 14 -12.47 -2.05 30.85
N PHE A 15 -12.21 -3.35 30.95
CA PHE A 15 -10.97 -3.92 30.45
C PHE A 15 -10.70 -3.57 28.97
N LEU A 16 -11.71 -3.77 28.14
CA LEU A 16 -11.51 -3.61 26.70
C LEU A 16 -11.17 -2.17 26.36
N ASP A 17 -11.81 -1.24 27.06
CA ASP A 17 -11.48 0.18 26.89
CA ASP A 17 -11.46 0.18 26.90
C ASP A 17 -10.03 0.48 27.28
N LYS A 18 -9.54 -0.09 28.37
CA LYS A 18 -8.15 0.10 28.70
C LYS A 18 -7.20 -0.58 27.69
N PHE A 19 -7.54 -1.80 27.29
CA PHE A 19 -6.77 -2.60 26.34
C PHE A 19 -6.56 -1.83 25.05
N THR A 20 -7.62 -1.20 24.54
CA THR A 20 -7.54 -0.55 23.24
C THR A 20 -6.95 0.86 23.34
N SER A 21 -6.81 1.38 24.56
CA SER A 21 -6.35 2.77 24.76
C SER A 21 -4.86 2.91 25.04
N SER A 22 -4.17 1.79 25.29
CA SER A 22 -2.74 1.84 25.66
C SER A 22 -1.98 0.64 25.14
N ALA A 23 -1.00 0.87 24.27
CA ALA A 23 -0.18 -0.21 23.72
C ALA A 23 0.56 -0.99 24.79
N ALA A 24 1.16 -0.26 25.74
CA ALA A 24 1.91 -0.94 26.82
C ALA A 24 1.00 -1.87 27.61
N PHE A 25 -0.19 -1.39 27.97
CA PHE A 25 -1.14 -2.24 28.69
C PHE A 25 -1.58 -3.43 27.84
N GLN A 26 -1.93 -3.15 26.58
CA GLN A 26 -2.36 -4.19 25.67
C GLN A 26 -1.39 -5.39 25.62
N TYR A 27 -0.10 -5.09 25.45
CA TYR A 27 0.89 -6.15 25.40
C TYR A 27 0.94 -7.00 26.67
N THR A 28 0.66 -6.39 27.81
CA THR A 28 0.66 -7.14 29.09
C THR A 28 -0.51 -8.10 29.22
N ARG A 29 -1.56 -7.89 28.40
CA ARG A 29 -2.78 -8.70 28.47
C ARG A 29 -2.99 -9.65 27.31
N ILE A 30 -1.90 -10.06 26.70
CA ILE A 30 -1.94 -11.07 25.67
C ILE A 30 -1.02 -12.20 26.09
N LYS A 31 -1.56 -13.42 26.07
CA LYS A 31 -0.77 -14.60 26.45
CA LYS A 31 -0.77 -14.60 26.44
C LYS A 31 -0.09 -15.23 25.24
N PHE A 32 1.16 -14.82 25.01
CA PHE A 32 1.97 -15.32 23.91
C PHE A 32 2.75 -16.55 24.34
N PRO A 33 2.99 -17.49 23.41
CA PRO A 33 2.53 -17.49 22.03
C PRO A 33 1.07 -17.85 22.00
N LEU A 34 0.34 -17.31 21.04
CA LEU A 34 -1.10 -17.54 21.02
C LEU A 34 -1.40 -19.00 20.73
N LYS A 35 -2.61 -19.42 21.07
CA LYS A 35 -2.98 -20.83 20.96
C LYS A 35 -2.84 -21.39 19.55
N THR A 36 -3.19 -20.59 18.55
CA THR A 36 -3.12 -21.04 17.16
C THR A 36 -1.96 -20.34 16.46
N PRO A 37 -0.99 -21.13 15.96
CA PRO A 37 0.11 -20.49 15.25
C PRO A 37 -0.31 -19.99 13.85
N ILE A 38 0.54 -19.21 13.23
CA ILE A 38 0.34 -18.76 11.88
C ILE A 38 0.68 -19.95 10.97
N THR A 39 -0.23 -20.31 10.07
CA THR A 39 -0.04 -21.42 9.12
C THR A 39 -0.07 -20.89 7.69
N LEU A 40 1.03 -21.10 6.97
CA LEU A 40 1.18 -20.66 5.57
C LEU A 40 1.58 -21.87 4.65
N LEU A 41 1.29 -21.82 3.36
CA LEU A 41 1.77 -22.86 2.41
C LEU A 41 3.17 -22.48 1.96
N ALA A 42 4.09 -23.42 1.95
CA ALA A 42 5.42 -23.17 1.37
C ALA A 42 5.34 -22.97 -0.14
N ASP A 43 6.41 -22.43 -0.71
CA ASP A 43 6.47 -22.24 -2.17
C ASP A 43 6.31 -23.58 -2.93
N ASP A 44 6.81 -24.68 -2.34
CA ASP A 44 6.63 -26.03 -2.91
C ASP A 44 5.17 -26.39 -3.21
N GLY A 45 4.23 -25.70 -2.56
CA GLY A 45 2.81 -25.82 -2.89
C GLY A 45 2.11 -26.97 -2.18
N GLU A 46 2.81 -27.62 -1.26
CA GLU A 46 2.25 -28.78 -0.53
C GLU A 46 2.44 -28.71 0.98
N THR A 47 3.60 -28.24 1.42
CA THR A 47 3.93 -28.27 2.84
C THR A 47 3.38 -27.09 3.58
N GLU A 48 2.61 -27.32 4.64
CA GLU A 48 2.18 -26.22 5.49
C GLU A 48 3.26 -25.94 6.51
N LYS A 49 3.56 -24.66 6.72
CA LYS A 49 4.60 -24.27 7.64
C LYS A 49 3.92 -23.42 8.70
N THR A 50 4.24 -23.70 9.96
CA THR A 50 3.70 -22.93 11.05
C THR A 50 4.78 -22.04 11.63
N PHE A 51 4.33 -20.91 12.12
CA PHE A 51 5.18 -19.97 12.81
C PHE A 51 4.45 -19.56 14.09
N PRO A 52 5.15 -19.57 15.23
CA PRO A 52 4.47 -19.18 16.47
C PRO A 52 3.96 -17.75 16.40
N PHE A 53 2.77 -17.52 16.93
CA PHE A 53 2.21 -16.19 16.95
C PHE A 53 2.68 -15.50 18.23
N THR A 54 3.80 -14.81 18.10
CA THR A 54 4.51 -14.22 19.23
C THR A 54 4.36 -12.70 19.24
N LYS A 55 4.90 -12.08 20.29
CA LYS A 55 4.69 -10.65 20.55
C LYS A 55 5.12 -9.78 19.40
N GLU A 56 6.23 -10.11 18.77
CA GLU A 56 6.74 -9.27 17.69
C GLU A 56 5.78 -9.25 16.47
N LYS A 57 4.93 -10.25 16.34
CA LYS A 57 3.98 -10.34 15.23
C LYS A 57 2.63 -9.69 15.51
N TRP A 58 2.37 -9.35 16.76
CA TRP A 58 1.05 -8.86 17.17
C TRP A 58 0.66 -7.49 16.59
N PRO A 59 -0.45 -7.43 15.84
CA PRO A 59 -1.00 -6.12 15.47
C PRO A 59 -1.86 -5.54 16.59
N LEU A 60 -1.51 -4.35 17.06
CA LEU A 60 -2.26 -3.69 18.10
C LEU A 60 -3.68 -3.36 17.63
N LEU A 61 -4.64 -3.65 18.51
CA LEU A 61 -6.07 -3.48 18.23
C LEU A 61 -6.62 -2.21 18.88
N ASP A 62 -7.29 -1.39 18.10
CA ASP A 62 -7.83 -0.14 18.61
C ASP A 62 -9.32 -0.20 18.89
N SER A 63 -9.86 0.86 19.48
CA SER A 63 -11.26 0.85 19.94
C SER A 63 -12.23 0.75 18.78
N GLU A 64 -11.91 1.38 17.66
CA GLU A 64 -12.77 1.34 16.49
C GLU A 64 -12.91 -0.09 15.95
N THR A 65 -11.80 -0.82 15.94
CA THR A 65 -11.79 -2.18 15.46
C THR A 65 -12.64 -3.09 16.35
N LYS A 67 -15.34 -2.45 18.00
CA LYS A 67 -16.76 -2.06 18.10
C LYS A 67 -17.61 -3.09 17.37
N GLU A 68 -18.78 -3.41 17.93
CA GLU A 68 -19.74 -4.25 17.23
C GLU A 68 -20.57 -3.37 16.31
N GLU A 69 -20.58 -3.68 15.03
CA GLU A 69 -21.30 -2.86 14.09
C GLU A 69 -21.44 -3.56 12.74
N ARG A 70 -22.28 -2.95 11.92
CA ARG A 70 -22.55 -3.43 10.60
CA ARG A 70 -22.55 -3.43 10.60
C ARG A 70 -22.35 -2.24 9.66
N ILE A 71 -21.43 -2.40 8.70
CA ILE A 71 -21.06 -1.34 7.80
C ILE A 71 -21.55 -1.72 6.42
N GLU A 72 -22.47 -0.92 5.88
CA GLU A 72 -23.00 -1.10 4.53
C GLU A 72 -22.30 -0.13 3.63
N GLN A 73 -21.44 -0.62 2.75
CA GLN A 73 -20.63 0.24 1.88
C GLN A 73 -21.34 0.51 0.58
N GLU A 74 -21.21 1.73 0.08
CA GLU A 74 -21.78 2.07 -1.21
C GLU A 74 -21.26 1.16 -2.34
N GLU A 75 -19.98 0.77 -2.25
CA GLU A 75 -19.35 -0.15 -3.23
C GLU A 75 -19.75 -1.63 -3.12
N GLY A 76 -20.63 -1.97 -2.18
CA GLY A 76 -21.38 -3.23 -2.25
C GLY A 76 -21.16 -4.15 -1.06
N GLY A 77 -20.05 -3.98 -0.37
CA GLY A 77 -19.75 -4.88 0.73
C GLY A 77 -20.54 -4.54 1.99
N ILE A 78 -20.80 -5.56 2.80
CA ILE A 78 -21.30 -5.38 4.16
C ILE A 78 -20.31 -6.01 5.10
N TYR A 79 -19.70 -5.19 5.94
CA TYR A 79 -18.67 -5.63 6.88
C TYR A 79 -19.33 -5.72 8.27
N VAL A 80 -19.18 -6.85 8.95
CA VAL A 80 -19.88 -7.08 10.21
C VAL A 80 -18.84 -7.47 11.26
N SER A 81 -18.95 -6.85 12.42
CA SER A 81 -18.12 -7.17 13.57
C SER A 81 -19.04 -7.40 14.75
N LYS A 82 -18.79 -8.48 15.48
CA LYS A 82 -19.67 -8.89 16.56
CA LYS A 82 -19.68 -8.92 16.54
C LYS A 82 -18.98 -9.85 17.51
N PHE A 83 -19.46 -9.86 18.76
CA PHE A 83 -19.08 -10.91 19.71
C PHE A 83 -19.95 -12.13 19.38
N THR A 84 -19.31 -13.16 18.85
CA THR A 84 -19.99 -14.41 18.49
C THR A 84 -20.11 -15.34 19.69
N LEU A 85 -19.26 -15.12 20.69
CA LEU A 85 -19.39 -15.77 21.99
C LEU A 85 -19.31 -14.68 23.02
N ASN A 86 -20.28 -14.64 23.93
CA ASN A 86 -20.33 -13.62 24.94
C ASN A 86 -20.74 -14.23 26.29
N GLU A 87 -19.80 -14.93 26.91
CA GLU A 87 -20.04 -15.57 28.19
CA GLU A 87 -20.04 -15.57 28.19
C GLU A 87 -19.29 -14.82 29.29
N PRO A 88 -19.70 -15.02 30.55
CA PRO A 88 -19.06 -14.29 31.64
C PRO A 88 -17.53 -14.31 31.67
N VAL A 89 -16.89 -15.44 31.37
CA VAL A 89 -15.40 -15.52 31.47
C VAL A 89 -14.73 -15.85 30.14
N HIS A 90 -15.49 -15.78 29.06
CA HIS A 90 -15.00 -16.24 27.74
C HIS A 90 -15.77 -15.51 26.66
N LYS A 91 -15.05 -14.74 25.85
CA LYS A 91 -15.65 -13.99 24.77
C LYS A 91 -14.86 -14.18 23.47
N VAL A 92 -15.56 -14.17 22.34
CA VAL A 92 -14.94 -14.26 21.03
C VAL A 92 -15.54 -13.18 20.13
N PHE A 93 -14.66 -12.38 19.57
CA PHE A 93 -15.01 -11.29 18.67
C PHE A 93 -14.58 -11.69 17.25
N GLU A 94 -15.47 -11.50 16.30
CA GLU A 94 -15.23 -11.84 14.90
C GLU A 94 -15.64 -10.69 14.00
N ALA A 95 -14.83 -10.44 12.97
CA ALA A 95 -15.13 -9.41 12.01
C ALA A 95 -14.77 -9.86 10.59
N GLY A 96 -15.56 -9.41 9.62
CA GLY A 96 -15.32 -9.73 8.23
C GLY A 96 -16.46 -9.30 7.34
N TYR A 97 -16.25 -9.41 6.04
CA TYR A 97 -17.32 -9.14 5.06
C TYR A 97 -18.34 -10.27 5.07
N GLU A 98 -19.62 -9.93 5.03
CA GLU A 98 -20.69 -10.92 4.87
C GLU A 98 -20.41 -11.70 3.60
N GLU A 99 -20.49 -13.01 3.70
CA GLU A 99 -20.34 -13.94 2.55
C GLU A 99 -18.87 -14.23 2.21
N SER A 100 -17.93 -13.66 2.99
CA SER A 100 -16.51 -13.96 2.88
C SER A 100 -16.07 -14.64 4.17
N GLU A 101 -14.89 -15.24 4.17
CA GLU A 101 -14.28 -15.72 5.39
C GLU A 101 -13.97 -14.52 6.28
N ILE A 102 -14.01 -14.74 7.59
CA ILE A 102 -13.71 -13.67 8.55
C ILE A 102 -12.27 -13.24 8.37
N ASP A 103 -11.99 -11.97 8.67
CA ASP A 103 -10.60 -11.49 8.66
C ASP A 103 -10.02 -11.16 10.05
N LEU A 104 -10.82 -11.32 11.10
CA LEU A 104 -10.34 -11.15 12.49
C LEU A 104 -11.17 -12.02 13.42
N ARG A 105 -10.50 -12.77 14.30
CA ARG A 105 -11.15 -13.44 15.40
C ARG A 105 -10.22 -13.27 16.60
N VAL A 106 -10.76 -12.71 17.68
CA VAL A 106 -10.01 -12.53 18.91
C VAL A 106 -10.75 -13.22 20.04
N GLU A 107 -10.01 -14.06 20.77
CA GLU A 107 -10.56 -14.84 21.87
CA GLU A 107 -10.56 -14.83 21.87
C GLU A 107 -10.02 -14.30 23.19
N PHE A 108 -10.95 -13.95 24.09
CA PHE A 108 -10.63 -13.37 25.39
C PHE A 108 -11.08 -14.33 26.48
N GLU A 109 -10.24 -14.48 27.50
CA GLU A 109 -10.59 -15.31 28.63
C GLU A 109 -10.23 -14.58 29.91
N GLN A 110 -11.11 -14.70 30.90
CA GLN A 110 -10.84 -14.16 32.19
C GLN A 110 -10.15 -15.27 32.98
N ALA A 111 -8.91 -14.97 33.35
CA ALA A 111 -8.04 -15.95 33.98
C ALA A 111 -8.38 -16.13 35.47
N ALA A 112 -7.75 -17.12 36.10
CA ALA A 112 -8.00 -17.43 37.52
C ALA A 112 -7.73 -16.24 38.45
N ASP A 113 -6.80 -15.37 38.06
CA ASP A 113 -6.55 -14.12 38.78
C ASP A 113 -7.62 -13.02 38.60
N GLY A 114 -8.64 -13.23 37.76
CA GLY A 114 -9.73 -12.26 37.53
C GLY A 114 -9.44 -11.25 36.45
N LYS A 115 -8.27 -11.38 35.82
CA LYS A 115 -7.88 -10.45 34.74
C LYS A 115 -8.24 -11.04 33.39
N TRP A 116 -8.60 -10.17 32.46
CA TRP A 116 -8.85 -10.58 31.08
C TRP A 116 -7.58 -10.58 30.26
N TYR A 117 -7.47 -11.60 29.41
CA TYR A 117 -6.38 -11.73 28.47
C TYR A 117 -6.90 -12.17 27.11
N VAL A 118 -6.17 -11.76 26.09
CA VAL A 118 -6.30 -12.38 24.77
C VAL A 118 -5.50 -13.67 24.79
N VAL A 119 -6.15 -14.78 24.45
CA VAL A 119 -5.49 -16.08 24.39
C VAL A 119 -5.32 -16.63 22.98
N ASP A 120 -6.07 -16.11 22.01
CA ASP A 120 -5.91 -16.53 20.64
C ASP A 120 -6.39 -15.46 19.70
N CYS A 121 -5.86 -15.48 18.50
CA CYS A 121 -6.25 -14.53 17.49
C CYS A 121 -5.96 -15.09 16.10
N TYR A 122 -6.92 -14.90 15.21
CA TYR A 122 -6.72 -15.06 13.79
C TYR A 122 -6.79 -13.65 13.23
N THR A 123 -5.79 -13.27 12.45
CA THR A 123 -5.86 -12.01 11.72
C THR A 123 -5.51 -12.17 10.26
N GLY A 124 -6.29 -11.51 9.40
CA GLY A 124 -6.03 -11.50 7.96
C GLY A 124 -4.67 -10.93 7.59
N TRP A 125 -4.01 -10.20 8.49
CA TRP A 125 -2.61 -9.77 8.23
C TRP A 125 -1.73 -10.98 7.88
N TYR A 126 -2.01 -12.11 8.52
CA TYR A 126 -1.31 -13.33 8.30
C TYR A 126 -2.25 -14.43 7.77
N GLY A 127 -3.05 -14.08 6.78
CA GLY A 127 -3.99 -15.00 6.17
C GLY A 127 -3.33 -16.17 5.47
N TYR A 128 -4.14 -17.18 5.21
CA TYR A 128 -3.62 -18.35 4.54
CA TYR A 128 -3.65 -18.36 4.54
C TYR A 128 -3.24 -17.96 3.12
N ASP A 129 -3.78 -16.84 2.59
CA ASP A 129 -3.41 -16.36 1.23
C ASP A 129 -2.09 -15.59 1.16
N LEU A 130 -1.43 -15.41 2.29
CA LEU A 130 -0.14 -14.75 2.27
C LEU A 130 1.01 -15.66 1.84
N PRO A 131 1.75 -15.25 0.80
CA PRO A 131 2.94 -16.04 0.43
C PRO A 131 3.94 -16.03 1.54
N ILE A 132 4.54 -17.19 1.82
CA ILE A 132 5.49 -17.33 2.90
C ILE A 132 6.67 -16.35 2.73
N GLY A 133 7.02 -16.06 1.48
CA GLY A 133 8.09 -15.12 1.16
C GLY A 133 7.79 -13.67 1.54
N GLU A 134 6.53 -13.37 1.80
CA GLU A 134 6.10 -12.03 2.21
C GLU A 134 5.90 -11.90 3.72
N LEU A 135 6.07 -12.99 4.47
CA LEU A 135 5.85 -12.96 5.92
C LEU A 135 6.75 -11.93 6.64
N LYS A 136 8.05 -11.95 6.35
CA LYS A 136 8.96 -10.98 7.01
C LYS A 136 8.57 -9.52 6.81
N GLN A 137 8.26 -9.17 5.56
CA GLN A 137 7.87 -7.80 5.27
C GLN A 137 6.49 -7.45 5.86
N THR A 138 5.59 -8.42 5.93
CA THR A 138 4.30 -8.21 6.58
C THR A 138 4.47 -7.88 8.05
N ILE A 139 5.33 -8.64 8.71
CA ILE A 139 5.63 -8.38 10.11
C ILE A 139 6.18 -6.95 10.31
N GLN A 140 7.03 -6.50 9.39
CA GLN A 140 7.56 -5.15 9.42
C GLN A 140 6.43 -4.11 9.19
N GLN A 141 5.49 -4.39 8.30
CA GLN A 141 4.33 -3.51 8.08
C GLN A 141 3.51 -3.39 9.35
N VAL A 142 3.30 -4.49 10.03
CA VAL A 142 2.59 -4.49 11.32
C VAL A 142 3.33 -3.66 12.36
N LYS A 143 4.64 -3.78 12.40
CA LYS A 143 5.45 -2.93 13.27
C LYS A 143 5.22 -1.43 13.01
N GLU A 144 5.18 -1.05 11.74
CA GLU A 144 4.96 0.34 11.33
C GLU A 144 3.54 0.81 11.72
N GLU A 145 2.54 -0.04 11.52
CA GLU A 145 1.19 0.27 12.02
C GLU A 145 1.17 0.45 13.54
N ASN A 146 1.94 -0.39 14.24
CA ASN A 146 2.02 -0.31 15.67
C ASN A 146 2.71 0.96 16.13
N ALA A 147 3.70 1.44 15.38
CA ALA A 147 4.31 2.75 15.65
C ALA A 147 3.28 3.89 15.55
N ALA A 148 2.44 3.84 14.53
CA ALA A 148 1.35 4.79 14.40
C ALA A 148 0.39 4.70 15.61
N PHE A 149 -0.01 3.49 15.96
CA PHE A 149 -0.89 3.26 17.12
C PHE A 149 -0.31 3.91 18.37
N LYS A 150 0.99 3.72 18.58
CA LYS A 150 1.63 4.20 19.79
C LYS A 150 1.75 5.73 19.84
N GLU A 151 1.63 6.42 18.71
CA GLU A 151 1.60 7.89 18.71
C GLU A 151 0.35 8.44 19.36
N ILE A 152 -0.75 7.69 19.27
CA ILE A 152 -2.01 8.13 19.86
C ILE A 152 -2.47 7.31 21.06
N HIS A 153 -1.94 6.11 21.25
CA HIS A 153 -2.34 5.23 22.35
C HIS A 153 -1.12 4.57 23.00
N PRO A 154 -0.24 5.37 23.61
CA PRO A 154 0.96 4.76 24.20
C PRO A 154 0.67 3.75 25.33
N ASN B 3 17.86 -10.32 18.90
CA ASN B 3 18.61 -9.74 20.06
C ASN B 3 19.28 -8.41 19.68
N GLU B 4 18.49 -7.53 19.07
CA GLU B 4 19.02 -6.27 18.57
C GLU B 4 18.97 -5.21 19.66
N ILE B 5 19.99 -4.37 19.68
CA ILE B 5 20.03 -3.26 20.61
C ILE B 5 19.10 -2.17 20.09
N ALA B 6 18.32 -1.58 20.99
CA ALA B 6 17.38 -0.52 20.62
C ALA B 6 18.13 0.70 20.05
N GLN B 7 17.56 1.27 19.00
CA GLN B 7 18.16 2.40 18.32
CA GLN B 7 18.14 2.39 18.29
C GLN B 7 17.52 3.70 18.78
N SER B 8 18.30 4.76 18.78
CA SER B 8 17.82 6.05 19.16
C SER B 8 17.48 6.69 17.83
N GLY B 9 16.53 7.61 17.85
CA GLY B 9 16.12 8.27 16.61
C GLY B 9 15.28 7.38 15.74
N GLU B 10 15.27 7.69 14.45
CA GLU B 10 14.46 6.96 13.48
CA GLU B 10 14.43 7.02 13.51
C GLU B 10 14.91 5.55 13.28
N ASP B 11 13.94 4.63 13.30
CA ASP B 11 14.17 3.23 12.99
C ASP B 11 14.50 3.12 11.49
N PHE B 12 15.59 2.45 11.15
CA PHE B 12 16.05 2.41 9.75
C PHE B 12 15.06 1.73 8.80
N LYS B 13 14.55 0.57 9.20
CA LYS B 13 13.61 -0.16 8.35
CA LYS B 13 13.61 -0.17 8.34
C LYS B 13 12.32 0.63 8.09
N SER B 14 11.82 1.30 9.13
CA SER B 14 10.65 2.16 9.01
CA SER B 14 10.65 2.17 8.98
C SER B 14 10.95 3.33 8.06
N PHE B 15 12.12 3.96 8.24
CA PHE B 15 12.57 5.03 7.35
C PHE B 15 12.59 4.53 5.90
N LEU B 16 13.16 3.36 5.68
CA LEU B 16 13.34 2.88 4.34
C LEU B 16 12.00 2.58 3.65
N ASP B 17 11.05 2.06 4.41
CA ASP B 17 9.70 1.85 3.92
C ASP B 17 9.00 3.18 3.53
N LYS B 18 9.19 4.23 4.30
CA LYS B 18 8.69 5.54 3.92
C LYS B 18 9.37 6.06 2.66
N PHE B 19 10.69 5.91 2.66
CA PHE B 19 11.54 6.37 1.58
C PHE B 19 11.10 5.77 0.25
N THR B 20 10.83 4.46 0.23
CA THR B 20 10.47 3.79 -1.01
C THR B 20 8.98 3.90 -1.38
N SER B 21 8.16 4.39 -0.46
CA SER B 21 6.72 4.48 -0.65
CA SER B 21 6.71 4.49 -0.67
C SER B 21 6.25 5.87 -1.07
N SER B 22 7.12 6.88 -0.97
CA SER B 22 6.73 8.25 -1.29
C SER B 22 7.86 9.01 -1.97
N ALA B 23 7.64 9.47 -3.20
CA ALA B 23 8.65 10.25 -3.93
C ALA B 23 8.99 11.53 -3.17
N ALA B 24 7.98 12.24 -2.70
CA ALA B 24 8.22 13.48 -1.97
C ALA B 24 9.11 13.25 -0.77
N PHE B 25 8.78 12.25 0.04
CA PHE B 25 9.56 11.98 1.22
C PHE B 25 10.97 11.58 0.81
N GLN B 26 11.08 10.71 -0.19
CA GLN B 26 12.37 10.28 -0.71
C GLN B 26 13.27 11.48 -1.02
N TYR B 27 12.75 12.45 -1.77
CA TYR B 27 13.55 13.61 -2.13
C TYR B 27 14.00 14.41 -0.91
N THR B 28 13.16 14.51 0.12
CA THR B 28 13.51 15.26 1.32
C THR B 28 14.65 14.58 2.10
N ARG B 29 14.86 13.29 1.86
CA ARG B 29 15.88 12.54 2.58
C ARG B 29 17.10 12.16 1.75
N ILE B 30 17.39 12.93 0.71
CA ILE B 30 18.60 12.77 -0.05
C ILE B 30 19.37 14.10 0.03
N LYS B 31 20.65 14.03 0.36
CA LYS B 31 21.50 15.23 0.40
C LYS B 31 22.20 15.43 -0.95
N PHE B 32 21.60 16.27 -1.81
CA PHE B 32 22.14 16.60 -3.13
C PHE B 32 23.01 17.84 -3.06
N PRO B 33 24.03 17.96 -3.93
CA PRO B 33 24.52 16.90 -4.82
C PRO B 33 25.15 15.76 -4.04
N LEU B 34 25.03 14.55 -4.56
CA LEU B 34 25.61 13.42 -3.86
C LEU B 34 27.13 13.50 -3.82
N LYS B 35 27.71 12.76 -2.89
CA LYS B 35 29.15 12.84 -2.65
C LYS B 35 29.95 12.51 -3.89
N THR B 36 29.56 11.48 -4.62
CA THR B 36 30.30 11.05 -5.82
C THR B 36 29.58 11.48 -7.08
N PRO B 37 30.24 12.29 -7.92
CA PRO B 37 29.59 12.69 -9.15
C PRO B 37 29.52 11.56 -10.19
N ILE B 38 28.74 11.78 -11.23
CA ILE B 38 28.66 10.87 -12.36
C ILE B 38 29.93 11.07 -13.18
N THR B 39 30.64 9.98 -13.48
CA THR B 39 31.86 10.02 -14.30
C THR B 39 31.67 9.25 -15.58
N LEU B 40 31.82 9.94 -16.71
CA LEU B 40 31.65 9.36 -18.03
C LEU B 40 32.85 9.61 -18.93
N LEU B 41 32.89 8.85 -20.02
CA LEU B 41 33.94 8.94 -21.03
C LEU B 41 33.55 9.79 -22.22
N ALA B 42 34.45 10.68 -22.63
CA ALA B 42 34.23 11.47 -23.86
C ALA B 42 34.24 10.57 -25.10
N ASP B 43 33.77 11.10 -26.21
CA ASP B 43 33.82 10.39 -27.49
C ASP B 43 35.24 9.94 -27.85
N ASP B 44 36.22 10.78 -27.52
CA ASP B 44 37.64 10.47 -27.74
C ASP B 44 38.09 9.13 -27.13
N GLY B 45 37.35 8.64 -26.13
CA GLY B 45 37.55 7.29 -25.60
C GLY B 45 38.59 7.22 -24.51
N GLU B 46 39.07 8.38 -24.06
CA GLU B 46 40.11 8.47 -23.05
C GLU B 46 39.83 9.45 -21.91
N THR B 47 39.30 10.62 -22.26
CA THR B 47 39.10 11.72 -21.29
CA THR B 47 39.11 11.70 -21.26
C THR B 47 37.82 11.50 -20.48
N GLU B 48 37.92 11.48 -19.16
CA GLU B 48 36.76 11.35 -18.30
C GLU B 48 36.19 12.73 -18.01
N LYS B 49 34.87 12.82 -17.91
CA LYS B 49 34.20 14.06 -17.53
C LYS B 49 33.24 13.75 -16.36
N THR B 50 33.18 14.65 -15.38
CA THR B 50 32.25 14.47 -14.25
C THR B 50 31.07 15.42 -14.36
N PHE B 51 29.93 14.95 -13.86
CA PHE B 51 28.71 15.74 -13.79
C PHE B 51 28.12 15.57 -12.38
N PRO B 52 27.68 16.67 -11.74
CA PRO B 52 27.16 16.53 -10.37
C PRO B 52 25.93 15.65 -10.35
N PHE B 53 25.83 14.82 -9.33
CA PHE B 53 24.68 13.94 -9.19
C PHE B 53 23.60 14.69 -8.40
N THR B 54 22.75 15.39 -9.16
CA THR B 54 21.80 16.32 -8.60
C THR B 54 20.40 15.75 -8.66
N LYS B 55 19.47 16.46 -8.05
CA LYS B 55 18.09 16.00 -7.90
C LYS B 55 17.45 15.62 -9.21
N GLU B 56 17.70 16.39 -10.27
CA GLU B 56 17.03 16.10 -11.55
C GLU B 56 17.51 14.78 -12.17
N LYS B 57 18.69 14.30 -11.79
CA LYS B 57 19.23 13.03 -12.29
C LYS B 57 18.84 11.81 -11.46
N TRP B 58 18.28 12.04 -10.27
CA TRP B 58 18.05 10.95 -9.31
C TRP B 58 16.99 9.97 -9.79
N PRO B 59 17.34 8.68 -9.91
CA PRO B 59 16.31 7.66 -10.15
C PRO B 59 15.66 7.25 -8.84
N LEU B 60 14.35 7.48 -8.74
CA LEU B 60 13.64 7.11 -7.53
C LEU B 60 13.71 5.62 -7.29
N LEU B 61 14.00 5.24 -6.05
CA LEU B 61 14.19 3.84 -5.65
C LEU B 61 12.92 3.29 -5.04
N ASP B 62 12.50 2.11 -5.49
CA ASP B 62 11.31 1.47 -4.93
C ASP B 62 11.62 0.32 -3.98
N SER B 63 10.57 -0.23 -3.38
CA SER B 63 10.75 -1.22 -2.32
C SER B 63 11.33 -2.54 -2.82
N GLU B 64 11.00 -2.93 -4.04
CA GLU B 64 11.52 -4.15 -4.63
C GLU B 64 13.03 -4.05 -4.81
N THR B 65 13.50 -2.90 -5.26
CA THR B 65 14.91 -2.66 -5.47
C THR B 65 15.71 -2.70 -4.15
N LYS B 67 15.09 -4.48 -1.43
CA LYS B 67 15.00 -5.76 -0.71
C LYS B 67 16.34 -6.50 -0.69
N GLU B 68 16.72 -7.06 0.46
CA GLU B 68 17.90 -7.96 0.57
C GLU B 68 17.47 -9.32 0.13
N GLU B 69 18.19 -9.89 -0.82
CA GLU B 69 17.86 -11.22 -1.28
C GLU B 69 18.99 -11.85 -2.07
N ARG B 70 18.94 -13.17 -2.20
CA ARG B 70 19.82 -13.91 -3.10
CA ARG B 70 19.82 -13.90 -3.10
C ARG B 70 18.90 -14.74 -3.99
N ILE B 71 19.00 -14.54 -5.30
CA ILE B 71 18.19 -15.36 -6.21
C ILE B 71 18.95 -15.90 -7.42
N GLU B 72 18.53 -17.04 -7.92
CA GLU B 72 19.11 -17.57 -9.14
C GLU B 72 18.13 -17.46 -10.29
N GLN B 73 18.53 -16.71 -11.30
CA GLN B 73 17.83 -16.70 -12.60
C GLN B 73 18.55 -17.57 -13.59
N GLU B 74 17.81 -18.45 -14.28
CA GLU B 74 18.41 -19.31 -15.32
C GLU B 74 19.11 -18.47 -16.41
N GLU B 75 18.50 -17.32 -16.75
CA GLU B 75 18.99 -16.35 -17.71
C GLU B 75 19.49 -15.12 -16.97
N GLY B 76 20.78 -15.14 -16.63
CA GLY B 76 21.44 -14.01 -15.95
C GLY B 76 22.21 -14.40 -14.68
N GLY B 77 21.88 -15.54 -14.10
CA GLY B 77 22.60 -16.05 -12.96
C GLY B 77 22.10 -15.53 -11.60
N ILE B 78 23.04 -15.43 -10.66
CA ILE B 78 22.74 -15.27 -9.24
C ILE B 78 22.74 -13.75 -9.04
N TYR B 79 21.64 -13.25 -8.52
CA TYR B 79 21.49 -11.84 -8.17
C TYR B 79 21.55 -11.73 -6.66
N VAL B 80 22.37 -10.81 -6.19
CA VAL B 80 22.55 -10.63 -4.75
CA VAL B 80 22.50 -10.64 -4.75
C VAL B 80 22.40 -9.15 -4.38
N SER B 81 21.59 -8.89 -3.36
CA SER B 81 21.43 -7.56 -2.78
C SER B 81 21.57 -7.72 -1.28
N LYS B 82 22.31 -6.82 -0.67
CA LYS B 82 22.60 -6.91 0.75
C LYS B 82 23.11 -5.58 1.29
N PHE B 83 22.94 -5.42 2.59
CA PHE B 83 23.65 -4.36 3.30
C PHE B 83 25.09 -4.82 3.62
N THR B 84 26.05 -4.19 2.98
CA THR B 84 27.47 -4.53 3.13
C THR B 84 28.07 -3.84 4.34
N LEU B 85 27.43 -2.75 4.75
CA LEU B 85 27.74 -2.06 5.99
C LEU B 85 26.41 -1.85 6.71
N ASN B 86 26.36 -2.25 7.98
CA ASN B 86 25.15 -2.18 8.75
C ASN B 86 25.43 -1.76 10.19
N GLU B 87 25.73 -0.48 10.35
CA GLU B 87 26.04 0.12 11.63
C GLU B 87 24.88 0.99 12.08
N PRO B 88 24.81 1.30 13.38
CA PRO B 88 23.69 2.08 13.90
C PRO B 88 23.45 3.41 13.20
N VAL B 89 24.50 4.10 12.74
CA VAL B 89 24.29 5.38 12.08
C VAL B 89 24.77 5.46 10.63
N HIS B 90 25.13 4.32 10.06
CA HIS B 90 25.81 4.29 8.76
C HIS B 90 25.57 2.94 8.12
N LYS B 91 24.88 2.94 6.98
CA LYS B 91 24.57 1.72 6.27
C LYS B 91 24.86 1.86 4.77
N VAL B 92 25.27 0.75 4.15
CA VAL B 92 25.55 0.73 2.72
C VAL B 92 24.86 -0.50 2.15
N PHE B 93 24.04 -0.26 1.15
CA PHE B 93 23.33 -1.28 0.40
C PHE B 93 23.96 -1.44 -0.97
N GLU B 94 24.16 -2.69 -1.37
CA GLU B 94 24.74 -3.03 -2.65
C GLU B 94 23.92 -4.10 -3.33
N ALA B 95 23.72 -3.96 -4.63
CA ALA B 95 22.97 -4.95 -5.39
C ALA B 95 23.55 -5.17 -6.78
N GLY B 96 23.39 -6.40 -7.30
CA GLY B 96 23.82 -6.69 -8.65
C GLY B 96 23.84 -8.18 -8.91
N TYR B 97 24.00 -8.51 -10.18
CA TYR B 97 24.25 -9.88 -10.62
C TYR B 97 25.69 -10.23 -10.26
N GLU B 98 25.89 -11.39 -9.68
CA GLU B 98 27.19 -11.74 -9.15
C GLU B 98 28.23 -12.01 -10.25
N GLU B 99 27.82 -12.32 -11.49
N GLU B 99 27.74 -12.35 -11.46
CA GLU B 99 28.83 -12.44 -12.58
CA GLU B 99 28.55 -12.51 -12.68
C GLU B 99 28.92 -11.14 -13.40
C GLU B 99 28.98 -11.17 -13.30
N SER B 100 28.43 -10.05 -12.81
N SER B 100 28.45 -10.07 -12.77
CA SER B 100 28.50 -8.72 -13.40
CA SER B 100 28.57 -8.74 -13.38
C SER B 100 28.99 -7.68 -12.37
C SER B 100 29.04 -7.70 -12.36
N GLU B 101 29.26 -6.47 -12.83
CA GLU B 101 29.52 -5.34 -11.90
C GLU B 101 28.24 -5.02 -11.12
N ILE B 102 28.37 -4.46 -9.92
CA ILE B 102 27.17 -4.10 -9.13
C ILE B 102 26.39 -3.10 -9.94
N ASP B 103 25.08 -3.09 -9.78
CA ASP B 103 24.30 -2.07 -10.45
C ASP B 103 23.74 -1.01 -9.53
N LEU B 104 23.91 -1.16 -8.22
CA LEU B 104 23.46 -0.16 -7.27
C LEU B 104 24.23 -0.23 -5.97
N ARG B 105 24.66 0.93 -5.49
CA ARG B 105 25.24 1.05 -4.16
C ARG B 105 24.70 2.36 -3.58
N VAL B 106 24.08 2.26 -2.42
CA VAL B 106 23.45 3.42 -1.75
C VAL B 106 23.99 3.52 -0.32
N GLU B 107 24.44 4.74 0.04
CA GLU B 107 25.00 5.00 1.34
C GLU B 107 24.04 5.88 2.15
N PHE B 108 23.67 5.37 3.33
CA PHE B 108 22.76 6.02 4.25
C PHE B 108 23.48 6.43 5.54
N GLU B 109 23.16 7.61 6.05
CA GLU B 109 23.74 8.11 7.29
CA GLU B 109 23.73 8.10 7.29
C GLU B 109 22.64 8.72 8.14
N GLN B 110 22.70 8.45 9.45
CA GLN B 110 21.75 8.98 10.41
C GLN B 110 22.35 10.24 10.97
N ALA B 111 21.65 11.35 10.80
CA ALA B 111 22.20 12.63 11.21
C ALA B 111 22.07 12.80 12.73
N ALA B 112 22.65 13.86 13.27
CA ALA B 112 22.58 14.11 14.73
C ALA B 112 21.14 14.24 15.25
N ASP B 113 20.22 14.74 14.40
CA ASP B 113 18.79 14.83 14.74
C ASP B 113 18.07 13.48 14.81
N GLY B 114 18.75 12.41 14.45
CA GLY B 114 18.18 11.09 14.46
C GLY B 114 17.50 10.70 13.15
N LYS B 115 17.56 11.57 12.12
CA LYS B 115 16.92 11.26 10.83
C LYS B 115 17.91 10.64 9.85
N TRP B 116 17.44 9.66 9.07
CA TRP B 116 18.24 9.05 8.05
C TRP B 116 18.22 9.80 6.71
N TYR B 117 19.37 9.85 6.05
CA TYR B 117 19.52 10.44 4.70
C TYR B 117 20.36 9.57 3.80
N VAL B 118 20.09 9.61 2.49
CA VAL B 118 21.01 9.11 1.50
C VAL B 118 22.05 10.20 1.26
N VAL B 119 23.32 9.84 1.40
CA VAL B 119 24.41 10.77 1.11
C VAL B 119 25.23 10.46 -0.14
N ASP B 120 25.14 9.23 -0.65
CA ASP B 120 25.85 8.87 -1.87
C ASP B 120 25.19 7.70 -2.54
N CYS B 121 25.41 7.59 -3.84
CA CYS B 121 24.86 6.50 -4.61
C CYS B 121 25.67 6.29 -5.88
N TYR B 122 25.87 5.01 -6.20
CA TYR B 122 26.30 4.59 -7.52
C TYR B 122 25.13 3.87 -8.15
N THR B 123 24.77 4.24 -9.37
CA THR B 123 23.75 3.51 -10.10
C THR B 123 24.18 3.17 -11.51
N GLY B 124 23.86 1.94 -11.91
CA GLY B 124 24.11 1.49 -13.27
C GLY B 124 23.36 2.27 -14.35
N TRP B 125 22.34 3.05 -13.98
CA TRP B 125 21.74 3.99 -14.96
C TRP B 125 22.79 4.92 -15.56
N TYR B 126 23.72 5.37 -14.73
CA TYR B 126 24.80 6.25 -15.16
C TYR B 126 26.08 5.53 -14.78
N GLY B 127 26.30 4.38 -15.37
CA GLY B 127 27.50 3.59 -15.09
C GLY B 127 28.81 4.33 -15.32
N TYR B 128 29.84 3.82 -14.66
CA TYR B 128 31.16 4.44 -14.65
C TYR B 128 31.72 4.31 -16.06
N ASP B 129 32.08 5.46 -16.63
CA ASP B 129 32.68 5.56 -17.96
C ASP B 129 31.71 5.21 -19.10
N LEU B 130 30.37 5.29 -18.90
CA LEU B 130 29.26 5.34 -19.95
CA LEU B 130 29.46 5.17 -20.05
C LEU B 130 29.59 6.45 -20.94
N PRO B 131 29.14 6.36 -22.22
CA PRO B 131 29.42 7.48 -23.15
C PRO B 131 28.66 8.77 -22.84
N ILE B 132 29.37 9.88 -22.91
CA ILE B 132 28.78 11.20 -22.65
C ILE B 132 27.61 11.49 -23.59
N GLY B 133 27.72 11.00 -24.82
CA GLY B 133 26.69 11.18 -25.83
C GLY B 133 25.36 10.48 -25.52
N GLU B 134 25.36 9.55 -24.57
CA GLU B 134 24.15 8.86 -24.15
CA GLU B 134 24.14 8.87 -24.16
C GLU B 134 23.53 9.44 -22.87
N LEU B 135 24.20 10.40 -22.24
CA LEU B 135 23.71 10.95 -20.97
C LEU B 135 22.32 11.60 -21.07
N LYS B 136 22.14 12.48 -22.05
CA LYS B 136 20.86 13.20 -22.17
C LYS B 136 19.66 12.26 -22.30
N GLN B 137 19.77 11.25 -23.16
CA GLN B 137 18.66 10.33 -23.33
C GLN B 137 18.46 9.45 -22.08
N THR B 138 19.54 9.14 -21.38
CA THR B 138 19.43 8.37 -20.15
C THR B 138 18.67 9.16 -19.09
N ILE B 139 19.00 10.44 -18.95
CA ILE B 139 18.31 11.30 -18.01
C ILE B 139 16.82 11.35 -18.35
N GLN B 140 16.50 11.41 -19.63
CA GLN B 140 15.09 11.42 -20.06
C GLN B 140 14.38 10.10 -19.71
N GLN B 141 15.07 8.97 -19.87
N GLN B 141 15.07 8.97 -19.87
CA GLN B 141 14.48 7.70 -19.46
CA GLN B 141 14.51 7.68 -19.46
C GLN B 141 14.23 7.64 -17.94
C GLN B 141 14.24 7.64 -17.94
N VAL B 142 15.18 8.16 -17.16
CA VAL B 142 15.01 8.23 -15.71
C VAL B 142 13.80 9.12 -15.36
N LYS B 143 13.65 10.24 -16.08
CA LYS B 143 12.51 11.12 -15.88
C LYS B 143 11.17 10.41 -16.07
N GLU B 144 11.12 9.59 -17.11
CA GLU B 144 9.93 8.81 -17.42
C GLU B 144 9.67 7.77 -16.34
N GLU B 145 10.70 7.07 -15.90
CA GLU B 145 10.56 6.10 -14.81
C GLU B 145 10.06 6.78 -13.54
N ASN B 146 10.59 7.98 -13.27
CA ASN B 146 10.17 8.73 -12.11
C ASN B 146 8.72 9.19 -12.19
N ALA B 147 8.27 9.54 -13.41
CA ALA B 147 6.88 9.93 -13.60
C ALA B 147 5.98 8.73 -13.28
N ALA B 148 6.37 7.54 -13.72
CA ALA B 148 5.64 6.33 -13.37
C ALA B 148 5.64 6.10 -11.83
N PHE B 149 6.80 6.21 -11.20
CA PHE B 149 6.94 6.02 -9.75
C PHE B 149 5.97 6.92 -9.00
N LYS B 150 5.91 8.18 -9.42
CA LYS B 150 5.09 9.16 -8.76
C LYS B 150 3.60 8.96 -8.88
N GLU B 151 3.15 8.22 -9.90
CA GLU B 151 1.74 7.91 -10.04
C GLU B 151 1.27 6.97 -8.96
N ILE B 152 2.14 6.07 -8.53
CA ILE B 152 1.78 5.10 -7.49
C ILE B 152 2.40 5.35 -6.12
N HIS B 153 3.46 6.17 -6.05
CA HIS B 153 4.16 6.48 -4.80
C HIS B 153 4.41 7.98 -4.68
N PRO B 154 3.36 8.79 -4.60
CA PRO B 154 3.59 10.24 -4.59
C PRO B 154 4.35 10.71 -3.33
N GLU C 4 -19.91 8.32 -17.11
CA GLU C 4 -20.03 7.99 -18.56
C GLU C 4 -19.17 8.92 -19.44
N ILE C 5 -19.27 10.24 -19.27
CA ILE C 5 -18.45 11.16 -20.07
C ILE C 5 -17.06 11.26 -19.44
N ALA C 6 -16.04 11.18 -20.28
CA ALA C 6 -14.66 11.22 -19.84
C ALA C 6 -14.36 12.57 -19.16
N GLN C 7 -13.58 12.50 -18.10
CA GLN C 7 -13.17 13.70 -17.37
C GLN C 7 -11.79 14.17 -17.83
N SER C 8 -11.59 15.49 -17.85
CA SER C 8 -10.37 16.10 -18.31
C SER C 8 -9.59 16.35 -17.05
N GLY C 9 -8.27 16.39 -17.16
CA GLY C 9 -7.43 16.66 -16.01
C GLY C 9 -7.35 15.44 -15.12
N GLU C 10 -7.04 15.68 -13.87
CA GLU C 10 -6.91 14.60 -12.90
C GLU C 10 -8.21 13.88 -12.63
N ASP C 11 -8.10 12.56 -12.63
CA ASP C 11 -9.18 11.69 -12.24
C ASP C 11 -9.38 11.84 -10.72
N PHE C 12 -10.63 12.08 -10.30
CA PHE C 12 -10.88 12.40 -8.90
C PHE C 12 -10.52 11.25 -7.95
N LYS C 13 -10.94 10.03 -8.29
CA LYS C 13 -10.64 8.89 -7.44
C LYS C 13 -9.12 8.65 -7.27
N SER C 14 -8.37 8.82 -8.36
CA SER C 14 -6.92 8.69 -8.34
C SER C 14 -6.31 9.76 -7.45
N PHE C 15 -6.80 11.00 -7.63
CA PHE C 15 -6.42 12.08 -6.72
C PHE C 15 -6.69 11.74 -5.26
N LEU C 16 -7.87 11.25 -4.97
CA LEU C 16 -8.26 11.04 -3.60
C LEU C 16 -7.42 9.96 -2.95
N ASP C 17 -7.09 8.93 -3.73
CA ASP C 17 -6.20 7.86 -3.26
C ASP C 17 -4.82 8.40 -2.91
N LYS C 18 -4.28 9.29 -3.72
CA LYS C 18 -3.01 9.95 -3.42
C LYS C 18 -3.13 10.83 -2.18
N PHE C 19 -4.21 11.60 -2.13
CA PHE C 19 -4.51 12.52 -1.05
C PHE C 19 -4.52 11.78 0.30
N THR C 20 -5.17 10.64 0.37
CA THR C 20 -5.35 9.92 1.63
C THR C 20 -4.17 9.01 1.95
N SER C 21 -3.28 8.76 0.97
CA SER C 21 -2.14 7.87 1.15
C SER C 21 -0.83 8.60 1.47
N SER C 22 -0.80 9.93 1.38
CA SER C 22 0.44 10.69 1.59
C SER C 22 0.15 12.04 2.25
N ALA C 23 0.66 12.24 3.47
CA ALA C 23 0.50 13.53 4.18
C ALA C 23 1.07 14.68 3.37
N ALA C 24 2.26 14.52 2.81
CA ALA C 24 2.90 15.59 2.03
C ALA C 24 2.04 15.98 0.86
N PHE C 25 1.53 14.99 0.13
CA PHE C 25 0.71 15.28 -1.03
C PHE C 25 -0.58 15.94 -0.59
N GLN C 26 -1.19 15.42 0.49
CA GLN C 26 -2.40 15.98 1.04
C GLN C 26 -2.25 17.47 1.32
N TYR C 27 -1.18 17.86 1.97
CA TYR C 27 -0.97 19.26 2.28
C TYR C 27 -0.82 20.12 1.04
N THR C 28 -0.18 19.58 -0.01
CA THR C 28 -0.02 20.37 -1.26
C THR C 28 -1.35 20.61 -1.97
N ARG C 29 -2.36 19.81 -1.66
CA ARG C 29 -3.66 19.92 -2.31
C ARG C 29 -4.78 20.48 -1.44
N ILE C 30 -4.41 21.28 -0.46
CA ILE C 30 -5.38 22.01 0.36
C ILE C 30 -5.02 23.46 0.20
N LYS C 31 -6.03 24.28 -0.12
CA LYS C 31 -5.82 25.73 -0.28
C LYS C 31 -6.10 26.43 1.04
N PHE C 32 -5.05 26.62 1.84
CA PHE C 32 -5.12 27.29 3.14
C PHE C 32 -4.91 28.78 2.94
N PRO C 33 -5.55 29.60 3.78
CA PRO C 33 -6.53 29.24 4.78
C PRO C 33 -7.84 28.85 4.12
N LEU C 34 -8.57 27.93 4.73
CA LEU C 34 -9.79 27.44 4.12
C LEU C 34 -10.86 28.54 4.08
N LYS C 35 -11.84 28.35 3.21
CA LYS C 35 -12.87 29.38 2.99
C LYS C 35 -13.64 29.73 4.26
N THR C 36 -13.95 28.75 5.08
CA THR C 36 -14.70 28.99 6.32
C THR C 36 -13.78 28.90 7.53
N PRO C 37 -13.68 29.99 8.30
CA PRO C 37 -12.83 29.92 9.50
C PRO C 37 -13.46 29.18 10.67
N ILE C 38 -12.66 28.91 11.70
CA ILE C 38 -13.12 28.26 12.91
C ILE C 38 -13.75 29.32 13.81
N THR C 39 -14.93 29.06 14.34
CA THR C 39 -15.58 30.00 15.28
C THR C 39 -15.55 29.42 16.66
N LEU C 40 -14.95 30.14 17.61
CA LEU C 40 -14.86 29.71 19.00
C LEU C 40 -15.47 30.75 19.92
N LEU C 41 -15.76 30.29 21.13
CA LEU C 41 -16.31 31.12 22.18
C LEU C 41 -15.22 31.63 23.10
N ALA C 42 -15.21 32.93 23.36
CA ALA C 42 -14.26 33.49 24.35
C ALA C 42 -14.52 32.95 25.77
N ASP C 43 -13.56 33.17 26.67
CA ASP C 43 -13.73 32.76 28.08
CA ASP C 43 -13.71 32.78 28.08
C ASP C 43 -14.99 33.38 28.70
N ASP C 44 -15.30 34.61 28.31
CA ASP C 44 -16.52 35.29 28.77
C ASP C 44 -17.81 34.48 28.53
N GLY C 45 -17.79 33.54 27.58
CA GLY C 45 -18.90 32.59 27.40
C GLY C 45 -19.98 33.09 26.48
N GLU C 46 -19.74 34.25 25.84
CA GLU C 46 -20.74 34.89 24.99
C GLU C 46 -20.19 35.35 23.64
N THR C 47 -18.99 35.92 23.64
CA THR C 47 -18.45 36.54 22.44
C THR C 47 -17.80 35.48 21.55
N GLU C 48 -18.20 35.43 20.28
CA GLU C 48 -17.59 34.52 19.32
C GLU C 48 -16.37 35.18 18.69
N LYS C 49 -15.33 34.38 18.46
CA LYS C 49 -14.09 34.83 17.82
C LYS C 49 -13.76 33.89 16.67
N THR C 50 -13.27 34.42 15.56
CA THR C 50 -13.04 33.63 14.38
C THR C 50 -11.55 33.46 14.12
N PHE C 51 -11.11 32.22 13.84
CA PHE C 51 -9.69 31.89 13.70
C PHE C 51 -9.55 31.27 12.34
N PRO C 52 -8.56 31.73 11.56
CA PRO C 52 -8.32 31.11 10.27
C PRO C 52 -8.07 29.59 10.39
N PHE C 53 -8.62 28.86 9.44
CA PHE C 53 -8.38 27.41 9.36
C PHE C 53 -7.14 27.18 8.52
N THR C 54 -6.01 27.09 9.22
CA THR C 54 -4.71 27.06 8.58
C THR C 54 -4.11 25.67 8.67
N LYS C 55 -2.97 25.50 8.03
CA LYS C 55 -2.32 24.22 7.93
C LYS C 55 -2.06 23.56 9.26
N GLU C 56 -1.64 24.34 10.26
CA GLU C 56 -1.32 23.79 11.58
C GLU C 56 -2.53 23.14 12.26
N LYS C 57 -3.72 23.61 11.92
CA LYS C 57 -4.94 23.09 12.50
C LYS C 57 -5.53 21.90 11.74
N TRP C 58 -5.06 21.63 10.52
CA TRP C 58 -5.68 20.61 9.65
C TRP C 58 -5.52 19.17 10.18
N PRO C 59 -6.65 18.47 10.42
CA PRO C 59 -6.60 17.04 10.67
C PRO C 59 -6.49 16.25 9.37
N LEU C 60 -5.39 15.50 9.22
CA LEU C 60 -5.15 14.69 8.03
C LEU C 60 -6.23 13.61 7.88
N LEU C 61 -6.75 13.49 6.65
CA LEU C 61 -7.86 12.59 6.32
C LEU C 61 -7.33 11.32 5.68
N ASP C 62 -7.78 10.16 6.18
CA ASP C 62 -7.35 8.89 5.64
C ASP C 62 -8.40 8.21 4.75
N SER C 63 -8.03 7.08 4.14
CA SER C 63 -8.88 6.44 3.14
C SER C 63 -10.17 5.89 3.73
N GLU C 64 -10.10 5.40 4.97
CA GLU C 64 -11.28 4.85 5.63
CA GLU C 64 -11.29 4.86 5.61
C GLU C 64 -12.32 5.95 5.87
N THR C 65 -11.86 7.13 6.25
CA THR C 65 -12.77 8.25 6.50
C THR C 65 -13.49 8.65 5.20
N LYS C 67 -14.56 6.97 2.67
CA LYS C 67 -15.47 6.00 2.08
C LYS C 67 -16.93 6.36 2.27
N GLU C 68 -17.77 6.07 1.29
CA GLU C 68 -19.21 6.27 1.41
C GLU C 68 -19.84 5.01 2.00
N GLU C 69 -20.51 5.16 3.13
CA GLU C 69 -21.05 4.01 3.83
C GLU C 69 -22.04 4.40 4.95
N ARG C 70 -22.73 3.40 5.44
CA ARG C 70 -23.66 3.54 6.52
C ARG C 70 -23.27 2.51 7.58
N ILE C 71 -22.98 3.00 8.77
CA ILE C 71 -22.47 2.17 9.88
C ILE C 71 -23.53 2.13 10.96
N GLU C 72 -24.07 0.93 11.21
CA GLU C 72 -25.06 0.72 12.24
C GLU C 72 -24.32 0.12 13.44
N GLN C 73 -24.18 0.88 14.51
CA GLN C 73 -23.44 0.45 15.71
C GLN C 73 -24.38 -0.24 16.69
N GLU C 74 -23.89 -1.32 17.30
N GLU C 74 -23.89 -1.32 17.30
CA GLU C 74 -24.70 -2.06 18.28
CA GLU C 74 -24.68 -2.08 18.27
C GLU C 74 -25.13 -1.16 19.42
C GLU C 74 -25.12 -1.18 19.42
N GLU C 75 -24.27 -0.22 19.82
CA GLU C 75 -24.64 0.73 20.89
C GLU C 75 -25.76 1.72 20.54
N GLY C 76 -26.11 1.86 19.25
CA GLY C 76 -27.31 2.62 18.84
C GLY C 76 -27.13 3.67 17.75
N GLY C 77 -25.92 4.18 17.59
CA GLY C 77 -25.68 5.21 16.58
C GLY C 77 -25.64 4.66 15.16
N ILE C 78 -26.05 5.48 14.20
CA ILE C 78 -25.92 5.17 12.79
C ILE C 78 -25.15 6.29 12.15
N TYR C 79 -23.96 5.96 11.64
CA TYR C 79 -23.07 6.96 11.06
C TYR C 79 -23.18 6.86 9.55
N VAL C 80 -23.36 8.00 8.88
CA VAL C 80 -23.57 8.00 7.45
C VAL C 80 -22.54 8.91 6.81
N SER C 81 -21.87 8.43 5.77
CA SER C 81 -20.94 9.25 4.98
C SER C 81 -21.28 9.13 3.50
N LYS C 82 -21.23 10.25 2.79
CA LYS C 82 -21.61 10.28 1.38
C LYS C 82 -21.11 11.52 0.68
N PHE C 83 -20.95 11.43 -0.64
CA PHE C 83 -20.80 12.60 -1.49
C PHE C 83 -22.19 13.18 -1.74
N THR C 84 -22.40 14.38 -1.22
CA THR C 84 -23.66 15.08 -1.38
C THR C 84 -23.69 15.88 -2.68
N LEU C 85 -22.51 16.21 -3.19
CA LEU C 85 -22.35 16.87 -4.49
C LEU C 85 -21.27 16.12 -5.26
N ASN C 86 -21.57 15.74 -6.50
CA ASN C 86 -20.64 14.96 -7.31
C ASN C 86 -20.69 15.46 -8.75
N GLU C 87 -20.07 16.61 -8.98
CA GLU C 87 -20.00 17.24 -10.28
C GLU C 87 -18.58 17.15 -10.84
N PRO C 88 -18.42 17.34 -12.17
CA PRO C 88 -17.12 17.17 -12.79
C PRO C 88 -15.99 18.01 -12.20
N VAL C 89 -16.28 19.23 -11.74
CA VAL C 89 -15.22 20.03 -11.17
C VAL C 89 -15.46 20.42 -9.68
N HIS C 90 -16.45 19.83 -9.04
CA HIS C 90 -16.88 20.27 -7.71
C HIS C 90 -17.53 19.11 -6.99
N LYS C 91 -16.92 18.69 -5.87
CA LYS C 91 -17.47 17.58 -5.09
C LYS C 91 -17.51 17.94 -3.61
N VAL C 92 -18.51 17.41 -2.91
CA VAL C 92 -18.66 17.66 -1.48
C VAL C 92 -18.96 16.35 -0.80
N PHE C 93 -18.16 16.06 0.22
CA PHE C 93 -18.29 14.87 1.06
C PHE C 93 -18.75 15.28 2.47
N GLU C 94 -19.72 14.54 3.01
CA GLU C 94 -20.32 14.81 4.30
C GLU C 94 -20.45 13.55 5.10
N ALA C 95 -20.19 13.63 6.41
CA ALA C 95 -20.29 12.48 7.29
C ALA C 95 -20.79 12.92 8.68
N GLY C 96 -21.53 12.02 9.32
CA GLY C 96 -22.00 12.25 10.67
C GLY C 96 -23.04 11.23 11.08
N TYR C 97 -23.35 11.27 12.38
CA TYR C 97 -24.39 10.42 12.94
C TYR C 97 -25.77 10.92 12.52
N GLU C 98 -26.65 10.00 12.18
CA GLU C 98 -28.01 10.38 11.80
C GLU C 98 -28.76 11.34 12.77
N GLU C 99 -28.64 11.13 14.06
CA GLU C 99 -29.38 11.99 15.03
C GLU C 99 -28.54 13.14 15.59
N SER C 100 -27.41 13.45 14.93
CA SER C 100 -26.51 14.50 15.40
CA SER C 100 -26.50 14.51 15.38
C SER C 100 -26.19 15.46 14.25
N GLU C 101 -25.53 16.57 14.56
CA GLU C 101 -25.00 17.47 13.55
C GLU C 101 -23.89 16.74 12.80
N ILE C 102 -23.67 17.09 11.54
CA ILE C 102 -22.61 16.43 10.77
C ILE C 102 -21.31 16.69 11.49
N ASP C 103 -20.37 15.78 11.36
CA ASP C 103 -19.08 16.01 11.97
C ASP C 103 -17.95 16.20 10.98
N LEU C 104 -18.24 16.09 9.68
CA LEU C 104 -17.25 16.38 8.63
C LEU C 104 -17.94 16.79 7.35
N ARG C 105 -17.45 17.86 6.74
CA ARG C 105 -17.84 18.23 5.40
C ARG C 105 -16.60 18.76 4.69
N VAL C 106 -16.27 18.16 3.54
CA VAL C 106 -15.10 18.53 2.79
C VAL C 106 -15.53 18.92 1.35
N GLU C 107 -15.07 20.07 0.90
CA GLU C 107 -15.34 20.58 -0.44
C GLU C 107 -14.09 20.54 -1.32
N PHE C 108 -14.22 19.83 -2.43
CA PHE C 108 -13.16 19.66 -3.41
C PHE C 108 -13.52 20.44 -4.67
N GLU C 109 -12.53 21.10 -5.26
CA GLU C 109 -12.70 21.80 -6.53
C GLU C 109 -11.54 21.52 -7.44
N GLN C 110 -11.84 21.32 -8.73
CA GLN C 110 -10.81 21.08 -9.74
C GLN C 110 -10.44 22.42 -10.34
N ALA C 111 -9.17 22.76 -10.23
CA ALA C 111 -8.70 24.06 -10.68
C ALA C 111 -8.50 24.06 -12.21
N ALA C 112 -8.26 25.22 -12.78
CA ALA C 112 -8.11 25.33 -14.23
C ALA C 112 -6.97 24.47 -14.78
N ASP C 113 -5.94 24.21 -13.97
CA ASP C 113 -4.83 23.32 -14.34
C ASP C 113 -5.21 21.82 -14.36
N GLY C 114 -6.42 21.49 -13.93
CA GLY C 114 -6.91 20.13 -13.93
C GLY C 114 -6.61 19.40 -12.64
N LYS C 115 -6.01 20.09 -11.66
CA LYS C 115 -5.69 19.48 -10.37
C LYS C 115 -6.82 19.71 -9.38
N TRP C 116 -7.10 18.69 -8.58
CA TRP C 116 -8.07 18.80 -7.50
C TRP C 116 -7.45 19.37 -6.22
N TYR C 117 -8.22 20.21 -5.52
CA TYR C 117 -7.86 20.77 -4.22
C TYR C 117 -9.03 20.73 -3.24
N VAL C 118 -8.71 20.63 -1.95
CA VAL C 118 -9.69 20.93 -0.91
C VAL C 118 -9.70 22.41 -0.76
N VAL C 119 -10.88 23.02 -0.84
CA VAL C 119 -11.01 24.47 -0.64
C VAL C 119 -11.76 24.85 0.63
N ASP C 120 -12.48 23.91 1.24
CA ASP C 120 -13.18 24.20 2.49
C ASP C 120 -13.47 22.92 3.24
N CYS C 121 -13.63 23.08 4.54
CA CYS C 121 -13.88 21.94 5.40
C CYS C 121 -14.51 22.42 6.70
N TYR C 122 -15.51 21.66 7.14
CA TYR C 122 -16.02 21.72 8.49
C TYR C 122 -15.62 20.42 9.15
N THR C 123 -15.02 20.52 10.35
CA THR C 123 -14.71 19.34 11.13
C THR C 123 -15.15 19.49 12.60
N GLY C 124 -15.78 18.44 13.10
CA GLY C 124 -16.18 18.36 14.49
C GLY C 124 -15.03 18.39 15.48
N TRP C 125 -13.78 18.24 15.03
CA TRP C 125 -12.63 18.46 15.90
C TRP C 125 -12.66 19.86 16.49
N TYR C 126 -13.08 20.82 15.67
CA TYR C 126 -13.18 22.20 16.14
C TYR C 126 -14.63 22.49 16.52
N GLY C 127 -15.56 21.88 15.80
CA GLY C 127 -16.97 22.20 15.88
C GLY C 127 -17.22 23.68 15.80
N TYR C 128 -18.38 24.09 16.30
CA TYR C 128 -18.77 25.47 16.42
C TYR C 128 -18.87 25.85 17.92
N ASP C 129 -18.25 26.98 18.28
CA ASP C 129 -18.28 27.52 19.66
C ASP C 129 -17.51 26.69 20.69
N LEU C 130 -16.50 25.91 20.26
CA LEU C 130 -15.49 25.31 21.18
C LEU C 130 -14.96 26.43 22.05
N PRO C 131 -14.90 26.23 23.39
CA PRO C 131 -14.27 27.27 24.20
C PRO C 131 -12.83 27.51 23.81
N ILE C 132 -12.42 28.78 23.75
CA ILE C 132 -11.06 29.14 23.38
C ILE C 132 -10.03 28.47 24.30
N GLY C 133 -10.38 28.28 25.56
CA GLY C 133 -9.50 27.59 26.54
C GLY C 133 -9.23 26.12 26.24
N GLU C 134 -10.06 25.52 25.39
CA GLU C 134 -9.88 24.12 24.97
C GLU C 134 -9.16 23.98 23.62
N LEU C 135 -8.87 25.09 22.97
CA LEU C 135 -8.28 25.05 21.64
C LEU C 135 -6.89 24.40 21.65
N LYS C 136 -6.03 24.81 22.57
CA LYS C 136 -4.66 24.32 22.62
C LYS C 136 -4.61 22.81 22.78
N GLN C 137 -5.41 22.26 23.69
CA GLN C 137 -5.43 20.80 23.85
CA GLN C 137 -5.45 20.80 23.87
C GLN C 137 -6.04 20.09 22.65
N THR C 138 -7.01 20.70 21.99
CA THR C 138 -7.59 20.12 20.79
C THR C 138 -6.56 20.04 19.67
N ILE C 139 -5.83 21.14 19.47
CA ILE C 139 -4.76 21.15 18.47
C ILE C 139 -3.73 20.09 18.76
N GLN C 140 -3.38 19.92 20.05
CA GLN C 140 -2.43 18.89 20.45
C GLN C 140 -2.96 17.51 20.12
N GLN C 141 -4.24 17.25 20.34
CA GLN C 141 -4.83 15.98 19.93
CA GLN C 141 -4.82 15.97 19.93
C GLN C 141 -4.75 15.75 18.41
N VAL C 142 -5.05 16.78 17.64
CA VAL C 142 -4.96 16.70 16.17
C VAL C 142 -3.50 16.43 15.76
N LYS C 143 -2.55 17.10 16.42
CA LYS C 143 -1.14 16.89 16.12
C LYS C 143 -0.73 15.45 16.34
N GLU C 144 -1.24 14.84 17.42
CA GLU C 144 -0.98 13.44 17.72
C GLU C 144 -1.57 12.52 16.67
N GLU C 145 -2.81 12.79 16.27
CA GLU C 145 -3.44 12.03 15.19
C GLU C 145 -2.62 12.15 13.91
N ASN C 146 -2.14 13.36 13.62
CA ASN C 146 -1.35 13.59 12.41
C ASN C 146 0.01 12.89 12.46
N ALA C 147 0.61 12.82 13.65
CA ALA C 147 1.87 12.11 13.80
C ALA C 147 1.65 10.64 13.49
N ALA C 148 0.52 10.07 13.97
CA ALA C 148 0.20 8.67 13.66
C ALA C 148 0.03 8.48 12.14
N PHE C 149 -0.72 9.37 11.52
CA PHE C 149 -0.97 9.33 10.09
C PHE C 149 0.33 9.33 9.30
N LYS C 150 1.25 10.22 9.68
CA LYS C 150 2.51 10.36 8.98
C LYS C 150 3.48 9.19 9.16
N GLU C 151 3.28 8.37 10.19
CA GLU C 151 4.08 7.15 10.32
C GLU C 151 3.78 6.15 9.23
N ILE C 152 2.53 6.10 8.78
CA ILE C 152 2.13 5.13 7.77
C ILE C 152 1.83 5.73 6.41
N HIS C 153 1.61 7.05 6.35
CA HIS C 153 1.25 7.71 5.12
C HIS C 153 2.07 9.00 4.94
N PRO C 154 3.40 8.87 4.76
CA PRO C 154 4.20 10.10 4.71
C PRO C 154 3.87 10.93 3.46
N GLN D 7 5.56 -21.06 -40.99
CA GLN D 7 4.69 -20.13 -40.22
C GLN D 7 4.26 -18.96 -41.12
N SER D 8 3.20 -18.31 -40.69
CA SER D 8 2.55 -17.25 -41.47
C SER D 8 1.95 -16.17 -40.60
N GLY D 9 1.65 -15.03 -41.20
CA GLY D 9 1.08 -13.91 -40.48
C GLY D 9 2.10 -13.23 -39.57
N GLU D 10 1.61 -12.54 -38.56
CA GLU D 10 2.50 -11.80 -37.65
C GLU D 10 3.38 -12.74 -36.86
N ASP D 11 4.65 -12.39 -36.74
CA ASP D 11 5.58 -13.08 -35.87
C ASP D 11 5.22 -12.78 -34.40
N PHE D 12 5.08 -13.83 -33.61
CA PHE D 12 4.57 -13.66 -32.26
C PHE D 12 5.49 -12.81 -31.39
N LYS D 13 6.79 -13.09 -31.41
CA LYS D 13 7.72 -12.33 -30.56
CA LYS D 13 7.72 -12.35 -30.56
C LYS D 13 7.72 -10.87 -30.90
N SER D 14 7.67 -10.56 -32.20
CA SER D 14 7.61 -9.18 -32.65
C SER D 14 6.33 -8.51 -32.20
N PHE D 15 5.20 -9.20 -32.36
CA PHE D 15 3.94 -8.71 -31.83
C PHE D 15 4.03 -8.42 -30.32
N LEU D 16 4.60 -9.36 -29.56
CA LEU D 16 4.57 -9.26 -28.12
C LEU D 16 5.42 -8.07 -27.64
N ASP D 17 6.53 -7.83 -28.35
CA ASP D 17 7.35 -6.66 -28.08
CA ASP D 17 7.38 -6.65 -28.15
C ASP D 17 6.57 -5.36 -28.33
N LYS D 18 5.81 -5.28 -29.40
CA LYS D 18 4.98 -4.07 -29.61
C LYS D 18 3.85 -3.95 -28.57
N PHE D 19 3.21 -5.07 -28.28
CA PHE D 19 2.11 -5.14 -27.31
C PHE D 19 2.55 -4.62 -25.93
N THR D 20 3.73 -5.03 -25.47
CA THR D 20 4.19 -4.65 -24.12
C THR D 20 4.81 -3.28 -24.07
N SER D 21 5.10 -2.69 -25.24
CA SER D 21 5.79 -1.41 -25.29
C SER D 21 4.88 -0.19 -25.40
N SER D 22 3.59 -0.40 -25.65
CA SER D 22 2.66 0.71 -25.89
C SER D 22 1.26 0.37 -25.38
N ALA D 23 0.79 1.14 -24.41
CA ALA D 23 -0.54 0.96 -23.86
C ALA D 23 -1.62 1.09 -24.94
N ALA D 24 -1.50 2.12 -25.78
CA ALA D 24 -2.53 2.34 -26.83
C ALA D 24 -2.60 1.15 -27.78
N PHE D 25 -1.45 0.64 -28.20
CA PHE D 25 -1.43 -0.53 -29.08
C PHE D 25 -1.99 -1.77 -28.36
N GLN D 26 -1.54 -1.97 -27.13
CA GLN D 26 -1.98 -3.11 -26.32
C GLN D 26 -3.49 -3.21 -26.28
N TYR D 27 -4.14 -2.09 -25.99
CA TYR D 27 -5.60 -2.10 -25.93
C TYR D 27 -6.27 -2.50 -27.27
N THR D 28 -5.67 -2.12 -28.40
CA THR D 28 -6.20 -2.53 -29.73
C THR D 28 -6.09 -4.02 -30.01
N ARG D 29 -5.23 -4.73 -29.26
CA ARG D 29 -5.01 -6.15 -29.49
C ARG D 29 -5.55 -7.07 -28.39
N ILE D 30 -6.58 -6.61 -27.72
CA ILE D 30 -7.28 -7.43 -26.73
C ILE D 30 -8.72 -7.48 -27.18
N LYS D 31 -9.29 -8.67 -27.24
CA LYS D 31 -10.70 -8.84 -27.62
C LYS D 31 -11.59 -8.88 -26.37
N PHE D 32 -12.10 -7.70 -26.01
CA PHE D 32 -13.01 -7.56 -24.87
C PHE D 32 -14.45 -7.77 -25.33
N PRO D 33 -15.32 -8.29 -24.43
CA PRO D 33 -14.97 -8.80 -23.09
C PRO D 33 -14.24 -10.12 -23.20
N LEU D 34 -13.33 -10.40 -22.27
CA LEU D 34 -12.52 -11.60 -22.37
C LEU D 34 -13.39 -12.83 -22.18
N LYS D 35 -12.89 -13.95 -22.65
CA LYS D 35 -13.68 -15.19 -22.63
C LYS D 35 -14.14 -15.60 -21.24
N THR D 36 -13.29 -15.43 -20.24
CA THR D 36 -13.64 -15.78 -18.87
C THR D 36 -13.88 -14.53 -18.06
N PRO D 37 -15.11 -14.36 -17.57
CA PRO D 37 -15.37 -13.20 -16.77
C PRO D 37 -14.64 -13.26 -15.42
N ILE D 38 -14.60 -12.12 -14.73
CA ILE D 38 -14.12 -12.12 -13.36
C ILE D 38 -15.18 -12.83 -12.56
N THR D 39 -14.73 -13.82 -11.81
CA THR D 39 -15.64 -14.65 -11.02
C THR D 39 -15.21 -14.61 -9.57
N LEU D 40 -16.11 -14.14 -8.74
CA LEU D 40 -15.86 -13.98 -7.32
C LEU D 40 -16.80 -14.90 -6.55
N LEU D 41 -16.29 -15.46 -5.46
CA LEU D 41 -17.12 -16.34 -4.63
C LEU D 41 -18.11 -15.49 -3.86
N ALA D 42 -19.26 -16.08 -3.60
CA ALA D 42 -20.30 -15.49 -2.83
C ALA D 42 -20.92 -16.58 -1.96
N ASP D 43 -21.80 -16.19 -1.04
CA ASP D 43 -22.50 -17.15 -0.14
C ASP D 43 -21.55 -18.10 0.60
N ASP D 44 -20.47 -17.54 1.14
CA ASP D 44 -19.43 -18.38 1.85
C ASP D 44 -18.87 -19.53 1.00
N GLY D 45 -18.90 -19.34 -0.32
CA GLY D 45 -18.41 -20.32 -1.31
C GLY D 45 -19.49 -21.19 -1.92
N GLU D 46 -20.74 -20.91 -1.58
CA GLU D 46 -21.84 -21.72 -2.11
C GLU D 46 -22.20 -21.36 -3.57
N THR D 47 -21.92 -20.12 -3.99
CA THR D 47 -22.22 -19.65 -5.33
C THR D 47 -21.08 -18.71 -5.76
N GLU D 48 -21.23 -18.17 -6.96
CA GLU D 48 -20.28 -17.21 -7.47
C GLU D 48 -20.99 -16.12 -8.29
N LYS D 49 -20.34 -14.97 -8.33
CA LYS D 49 -20.87 -13.82 -9.03
C LYS D 49 -19.86 -13.47 -10.13
N THR D 50 -20.34 -13.16 -11.33
CA THR D 50 -19.47 -12.83 -12.44
C THR D 50 -19.61 -11.38 -12.86
N PHE D 51 -18.49 -10.84 -13.35
CA PHE D 51 -18.44 -9.49 -13.88
C PHE D 51 -17.64 -9.52 -15.19
N PRO D 52 -18.15 -8.89 -16.26
CA PRO D 52 -17.47 -8.99 -17.56
C PRO D 52 -16.08 -8.42 -17.46
N PHE D 53 -15.11 -9.09 -18.07
CA PHE D 53 -13.73 -8.64 -18.01
C PHE D 53 -13.57 -7.71 -19.20
N THR D 54 -13.80 -6.43 -18.93
CA THR D 54 -13.85 -5.40 -19.96
C THR D 54 -12.62 -4.52 -19.88
N LYS D 55 -12.50 -3.62 -20.85
CA LYS D 55 -11.33 -2.79 -21.01
C LYS D 55 -10.98 -2.02 -19.76
N GLU D 56 -11.96 -1.48 -19.05
CA GLU D 56 -11.67 -0.66 -17.87
C GLU D 56 -11.04 -1.48 -16.73
N LYS D 57 -11.19 -2.80 -16.74
CA LYS D 57 -10.62 -3.67 -15.72
C LYS D 57 -9.24 -4.23 -16.08
N TRP D 58 -8.80 -4.04 -17.33
CA TRP D 58 -7.57 -4.66 -17.80
C TRP D 58 -6.29 -4.11 -17.18
N PRO D 59 -5.48 -4.95 -16.52
CA PRO D 59 -4.14 -4.49 -16.07
C PRO D 59 -3.16 -4.61 -17.24
N LEU D 60 -2.56 -3.49 -17.62
CA LEU D 60 -1.60 -3.47 -18.69
C LEU D 60 -0.35 -4.31 -18.36
N LEU D 61 0.06 -5.11 -19.35
CA LEU D 61 1.16 -6.05 -19.19
C LEU D 61 2.44 -5.53 -19.78
N ASP D 62 3.52 -5.57 -19.01
CA ASP D 62 4.82 -5.07 -19.51
C ASP D 62 5.75 -6.19 -19.96
N SER D 63 6.90 -5.81 -20.51
N SER D 63 6.88 -5.80 -20.54
CA SER D 63 7.81 -6.78 -21.10
CA SER D 63 7.83 -6.78 -21.09
C SER D 63 8.42 -7.70 -20.05
C SER D 63 8.33 -7.74 -20.02
N GLU D 64 8.69 -7.19 -18.86
CA GLU D 64 9.27 -7.98 -17.79
C GLU D 64 8.33 -9.09 -17.35
N THR D 65 7.05 -8.76 -17.26
CA THR D 65 6.03 -9.73 -16.87
C THR D 65 5.90 -10.86 -17.88
N LYS D 67 8.21 -12.13 -19.84
CA LYS D 67 9.44 -12.89 -20.09
C LYS D 67 9.30 -14.29 -19.54
N GLU D 68 9.80 -15.28 -20.28
CA GLU D 68 9.92 -16.61 -19.74
C GLU D 68 11.17 -16.65 -18.88
N GLU D 69 11.01 -17.05 -17.61
N GLU D 69 10.99 -17.14 -17.66
CA GLU D 69 12.09 -17.01 -16.62
CA GLU D 69 12.06 -17.21 -16.70
C GLU D 69 11.81 -18.12 -15.60
C GLU D 69 11.80 -18.32 -15.71
N ARG D 70 12.87 -18.67 -14.98
CA ARG D 70 12.75 -19.51 -13.82
C ARG D 70 13.61 -18.88 -12.72
N ILE D 71 12.98 -18.51 -11.61
CA ILE D 71 13.64 -17.79 -10.53
C ILE D 71 13.75 -18.76 -9.38
N GLU D 72 14.98 -19.08 -9.00
CA GLU D 72 15.22 -19.95 -7.89
CA GLU D 72 15.24 -19.97 -7.87
C GLU D 72 15.61 -19.08 -6.69
N GLN D 73 14.76 -19.10 -5.69
CA GLN D 73 14.96 -18.28 -4.50
C GLN D 73 15.71 -19.04 -3.42
N GLU D 74 16.60 -18.33 -2.72
CA GLU D 74 17.37 -18.94 -1.65
C GLU D 74 16.47 -19.58 -0.61
N GLU D 75 15.32 -18.96 -0.34
CA GLU D 75 14.36 -19.52 0.62
C GLU D 75 13.72 -20.86 0.22
N GLY D 76 13.76 -21.20 -1.07
CA GLY D 76 13.32 -22.51 -1.56
C GLY D 76 12.35 -22.51 -2.73
N GLY D 77 11.63 -21.41 -2.94
CA GLY D 77 10.65 -21.37 -4.02
C GLY D 77 11.29 -21.28 -5.39
N ILE D 78 10.63 -21.85 -6.39
CA ILE D 78 10.99 -21.65 -7.79
C ILE D 78 9.79 -21.02 -8.50
N TYR D 79 9.98 -19.81 -9.00
CA TYR D 79 8.90 -19.09 -9.67
C TYR D 79 9.15 -19.22 -11.17
N VAL D 80 8.12 -19.64 -11.90
CA VAL D 80 8.25 -19.92 -13.33
C VAL D 80 7.22 -19.13 -14.11
N SER D 81 7.71 -18.52 -15.17
CA SER D 81 6.88 -17.84 -16.11
CA SER D 81 6.85 -17.85 -16.12
C SER D 81 7.22 -18.48 -17.45
N LYS D 82 6.23 -19.06 -18.11
CA LYS D 82 6.50 -19.88 -19.26
C LYS D 82 5.29 -19.94 -20.17
N PHE D 83 5.53 -20.12 -21.46
CA PHE D 83 4.47 -20.48 -22.38
C PHE D 83 4.17 -21.98 -22.20
N THR D 84 2.99 -22.26 -21.63
CA THR D 84 2.58 -23.64 -21.37
C THR D 84 1.92 -24.25 -22.59
N LEU D 85 1.45 -23.39 -23.48
CA LEU D 85 1.00 -23.80 -24.80
CA LEU D 85 0.98 -23.79 -24.78
C LEU D 85 1.71 -22.91 -25.79
N ASN D 86 2.36 -23.52 -26.77
CA ASN D 86 3.14 -22.75 -27.73
C ASN D 86 2.96 -23.33 -29.14
N GLU D 87 1.79 -23.05 -29.72
CA GLU D 87 1.45 -23.51 -31.05
C GLU D 87 1.47 -22.35 -32.02
N PRO D 88 1.55 -22.67 -33.31
CA PRO D 88 1.65 -21.58 -34.30
C PRO D 88 0.59 -20.47 -34.23
N VAL D 89 -0.66 -20.80 -33.92
CA VAL D 89 -1.72 -19.77 -33.88
C VAL D 89 -2.38 -19.63 -32.52
N HIS D 90 -1.80 -20.25 -31.50
CA HIS D 90 -2.43 -20.33 -30.17
C HIS D 90 -1.34 -20.50 -29.12
N LYS D 91 -1.25 -19.54 -28.21
CA LYS D 91 -0.26 -19.58 -27.16
C LYS D 91 -0.89 -19.24 -25.81
N VAL D 92 -0.38 -19.88 -24.76
CA VAL D 92 -0.83 -19.59 -23.39
C VAL D 92 0.41 -19.39 -22.54
N PHE D 93 0.44 -18.24 -21.86
CA PHE D 93 1.51 -17.88 -20.94
C PHE D 93 0.95 -18.01 -19.51
N GLU D 94 1.72 -18.64 -18.64
CA GLU D 94 1.36 -18.84 -17.23
C GLU D 94 2.52 -18.47 -16.33
N ALA D 95 2.20 -17.83 -15.21
CA ALA D 95 3.24 -17.47 -14.25
C ALA D 95 2.75 -17.81 -12.86
N GLY D 96 3.66 -18.35 -12.04
CA GLY D 96 3.44 -18.73 -10.67
C GLY D 96 4.58 -19.59 -10.10
N TYR D 97 4.50 -19.89 -8.81
CA TYR D 97 5.47 -20.79 -8.18
C TYR D 97 5.25 -22.19 -8.71
N GLU D 98 6.33 -22.95 -8.91
CA GLU D 98 6.23 -24.36 -9.24
C GLU D 98 5.34 -25.03 -8.23
N GLU D 99 4.36 -25.73 -8.77
CA GLU D 99 3.46 -26.59 -8.04
C GLU D 99 2.43 -25.85 -7.22
N SER D 100 2.34 -24.54 -7.40
CA SER D 100 1.38 -23.75 -6.64
CA SER D 100 1.40 -23.73 -6.63
C SER D 100 0.40 -23.07 -7.57
N GLU D 101 -0.44 -22.24 -6.97
CA GLU D 101 -1.48 -21.55 -7.70
C GLU D 101 -0.81 -20.58 -8.67
N ILE D 102 -1.37 -20.46 -9.86
CA ILE D 102 -0.83 -19.46 -10.79
C ILE D 102 -1.34 -18.05 -10.47
N ASP D 103 -0.52 -17.05 -10.77
CA ASP D 103 -0.85 -15.64 -10.60
C ASP D 103 -1.33 -14.95 -11.90
N LEU D 104 -1.02 -15.56 -13.03
CA LEU D 104 -1.31 -14.96 -14.33
C LEU D 104 -1.41 -16.05 -15.39
N ARG D 105 -2.46 -16.01 -16.20
CA ARG D 105 -2.57 -16.81 -17.41
C ARG D 105 -3.11 -15.90 -18.50
N VAL D 106 -2.39 -15.82 -19.61
CA VAL D 106 -2.80 -15.01 -20.73
C VAL D 106 -2.86 -15.93 -21.97
N GLU D 107 -3.98 -15.86 -22.67
CA GLU D 107 -4.21 -16.67 -23.87
CA GLU D 107 -4.24 -16.66 -23.87
C GLU D 107 -4.21 -15.78 -25.12
N PHE D 108 -3.36 -16.13 -26.08
CA PHE D 108 -3.17 -15.40 -27.31
C PHE D 108 -3.64 -16.27 -28.48
N GLU D 109 -4.30 -15.64 -29.45
CA GLU D 109 -4.71 -16.34 -30.64
CA GLU D 109 -4.82 -16.31 -30.63
C GLU D 109 -4.44 -15.48 -31.85
N GLN D 110 -3.95 -16.12 -32.89
CA GLN D 110 -3.70 -15.44 -34.14
C GLN D 110 -4.98 -15.55 -34.93
N ALA D 111 -5.56 -14.41 -35.24
CA ALA D 111 -6.86 -14.37 -35.90
C ALA D 111 -6.73 -14.70 -37.38
N ALA D 112 -7.87 -14.85 -38.05
CA ALA D 112 -7.88 -15.20 -39.48
C ALA D 112 -7.12 -14.20 -40.35
N ASP D 113 -7.08 -12.93 -39.94
CA ASP D 113 -6.28 -11.89 -40.62
C ASP D 113 -4.75 -11.98 -40.40
N GLY D 114 -4.29 -12.91 -39.57
CA GLY D 114 -2.87 -13.08 -39.29
C GLY D 114 -2.36 -12.24 -38.12
N LYS D 115 -3.26 -11.49 -37.46
CA LYS D 115 -2.86 -10.60 -36.36
C LYS D 115 -3.08 -11.32 -35.03
N TRP D 116 -2.18 -11.10 -34.08
CA TRP D 116 -2.31 -11.68 -32.75
C TRP D 116 -3.20 -10.82 -31.83
N TYR D 117 -4.01 -11.50 -31.02
CA TYR D 117 -4.84 -10.86 -29.99
C TYR D 117 -4.77 -11.67 -28.69
N VAL D 118 -4.94 -10.96 -27.59
CA VAL D 118 -5.28 -11.60 -26.32
C VAL D 118 -6.77 -11.87 -26.31
N VAL D 119 -7.16 -13.11 -26.07
CA VAL D 119 -8.57 -13.48 -25.99
C VAL D 119 -9.05 -13.87 -24.60
N ASP D 120 -8.13 -14.16 -23.69
CA ASP D 120 -8.52 -14.46 -22.31
C ASP D 120 -7.38 -14.20 -21.37
N CYS D 121 -7.72 -13.99 -20.10
CA CYS D 121 -6.73 -13.73 -19.08
C CYS D 121 -7.31 -14.04 -17.72
N TYR D 122 -6.51 -14.72 -16.91
CA TYR D 122 -6.71 -14.81 -15.49
C TYR D 122 -5.62 -13.96 -14.87
N THR D 123 -6.01 -13.07 -13.97
CA THR D 123 -5.02 -12.34 -13.17
C THR D 123 -5.35 -12.36 -11.68
N GLY D 124 -4.31 -12.57 -10.87
CA GLY D 124 -4.43 -12.53 -9.44
C GLY D 124 -4.92 -11.20 -8.87
N TRP D 125 -4.92 -10.14 -9.66
CA TRP D 125 -5.59 -8.89 -9.24
C TRP D 125 -7.04 -9.17 -8.86
N TYR D 126 -7.68 -10.06 -9.61
CA TYR D 126 -9.07 -10.41 -9.40
C TYR D 126 -9.25 -11.90 -9.00
N GLY D 127 -8.51 -12.30 -7.99
CA GLY D 127 -8.55 -13.69 -7.49
C GLY D 127 -9.93 -14.09 -6.98
N TYR D 128 -10.20 -15.37 -7.00
CA TYR D 128 -11.54 -15.86 -6.67
C TYR D 128 -12.03 -15.46 -5.29
N ASP D 129 -11.13 -15.34 -4.32
CA ASP D 129 -11.57 -15.04 -2.98
C ASP D 129 -11.61 -13.52 -2.64
N LEU D 130 -11.45 -12.70 -3.67
CA LEU D 130 -11.59 -11.25 -3.49
C LEU D 130 -13.05 -10.97 -3.10
N PRO D 131 -13.28 -10.34 -1.94
CA PRO D 131 -14.65 -10.01 -1.55
C PRO D 131 -15.26 -9.08 -2.58
N ILE D 132 -16.52 -9.32 -2.92
CA ILE D 132 -17.19 -8.55 -3.97
C ILE D 132 -17.16 -7.06 -3.62
N GLY D 133 -17.20 -6.77 -2.32
CA GLY D 133 -17.16 -5.39 -1.84
C GLY D 133 -15.84 -4.66 -2.08
N GLU D 134 -14.78 -5.41 -2.37
CA GLU D 134 -13.47 -4.86 -2.66
C GLU D 134 -13.17 -4.78 -4.18
N LEU D 135 -14.09 -5.27 -5.01
CA LEU D 135 -13.87 -5.25 -6.46
C LEU D 135 -13.71 -3.83 -7.02
N LYS D 136 -14.62 -2.93 -6.65
CA LYS D 136 -14.55 -1.55 -7.17
C LYS D 136 -13.21 -0.89 -6.84
N GLN D 137 -12.75 -1.01 -5.60
CA GLN D 137 -11.47 -0.41 -5.24
CA GLN D 137 -11.47 -0.41 -5.24
C GLN D 137 -10.27 -1.12 -5.91
N THR D 138 -10.36 -2.43 -6.13
CA THR D 138 -9.32 -3.15 -6.85
C THR D 138 -9.20 -2.65 -8.30
N ILE D 139 -10.34 -2.48 -8.95
CA ILE D 139 -10.36 -1.90 -10.30
C ILE D 139 -9.71 -0.52 -10.33
N GLN D 140 -9.99 0.29 -9.30
CA GLN D 140 -9.36 1.59 -9.19
C GLN D 140 -7.83 1.48 -9.00
N GLN D 141 -7.38 0.50 -8.21
CA GLN D 141 -5.95 0.27 -8.04
C GLN D 141 -5.27 -0.09 -9.37
N VAL D 142 -5.94 -0.91 -10.16
CA VAL D 142 -5.43 -1.30 -11.49
C VAL D 142 -5.34 -0.07 -12.38
N LYS D 143 -6.33 0.81 -12.28
CA LYS D 143 -6.30 2.04 -13.05
C LYS D 143 -5.06 2.90 -12.71
N GLU D 144 -4.77 2.97 -11.42
CA GLU D 144 -3.62 3.74 -10.94
C GLU D 144 -2.30 3.09 -11.42
N GLU D 145 -2.22 1.77 -11.36
CA GLU D 145 -1.05 1.06 -11.93
CA GLU D 145 -1.04 1.10 -11.89
C GLU D 145 -0.92 1.32 -13.43
N ASN D 146 -2.05 1.36 -14.12
CA ASN D 146 -2.06 1.65 -15.55
C ASN D 146 -1.61 3.06 -15.88
N ALA D 147 -1.94 4.01 -15.00
CA ALA D 147 -1.43 5.39 -15.16
C ALA D 147 0.10 5.41 -15.08
N ALA D 148 0.66 4.64 -14.17
CA ALA D 148 2.13 4.52 -14.09
C ALA D 148 2.70 3.86 -15.35
N PHE D 149 2.07 2.79 -15.81
CA PHE D 149 2.50 2.09 -17.05
C PHE D 149 2.56 3.07 -18.24
N LYS D 150 1.55 3.89 -18.35
CA LYS D 150 1.45 4.82 -19.46
C LYS D 150 2.50 5.93 -19.45
N GLU D 151 3.09 6.21 -18.30
CA GLU D 151 4.16 7.20 -18.23
C GLU D 151 5.42 6.70 -18.91
N ILE D 152 5.62 5.39 -18.92
CA ILE D 152 6.80 4.82 -19.55
C ILE D 152 6.53 4.04 -20.84
N HIS D 153 5.28 3.62 -21.07
CA HIS D 153 4.91 2.87 -22.29
C HIS D 153 3.59 3.39 -22.87
N PRO D 154 3.58 4.63 -23.37
CA PRO D 154 2.31 5.16 -23.83
C PRO D 154 1.73 4.43 -25.06
#